data_3PO1
#
_entry.id   3PO1
#
_cell.length_a   68.662
_cell.length_b   71.414
_cell.length_c   71.880
_cell.angle_alpha   90.000
_cell.angle_beta   99.820
_cell.angle_gamma   90.000
#
_symmetry.space_group_name_H-M   'C 1 2 1'
#
loop_
_entity.id
_entity.type
_entity.pdbx_description
1 polymer 'Thrombin light chain'
2 polymer 'Thrombin heavy chain'
3 polymer 'Thrombin heavy chain'
4 polymer 'thrombin peptide'
5 non-polymer 'ethyl [(2Z)-2-(carbamimidoylimino)-6-hydroxy-1,3-benzothiazol-3(2H)-yl]acetate'
6 non-polymer 'SODIUM ION'
7 non-polymer 'ACETATE ION'
8 water water
#
loop_
_entity_poly.entity_id
_entity_poly.type
_entity_poly.pdbx_seq_one_letter_code
_entity_poly.pdbx_strand_id
1 'polypeptide(L)' ADCGLRPLFEKKSLEDKTERELLESYI A
2 'polypeptide(L)'
;IVEGSDAEIGMSPWQVMLFRKSPQELLCGASLISDRWVLTAAHCLLYPPWDKNFTENDLLVRIGKHSRTRYERNIEKISM
LEKIYIHPRYNWRENLDRDIALMKLKKPVAFSDYIHPVCLPDRETAASLLQAGYKGRVTGWGNLKET
;
B
3 'polypeptide(L)'
;GQPSVLQVVNLPIVERPVCKDSTRIRITDNMFCAGYKPDEGKRGDACEGDSGGPFVMKSPFNNRWYQMGIVSWGEGCDRD
GKYGFYTHVFRLKKWIQKVIDQ
;
C
4 'polypeptide(L)' DFEEIPGE(TYS)L D
#
loop_
_chem_comp.id
_chem_comp.type
_chem_comp.name
_chem_comp.formula
ACT non-polymer 'ACETATE ION' 'C2 H3 O2 -1'
MKY non-polymer 'ethyl [(2Z)-2-(carbamimidoylimino)-6-hydroxy-1,3-benzothiazol-3(2H)-yl]acetate' 'C12 H14 N4 O3 S'
NA non-polymer 'SODIUM ION' 'Na 1'
#
# COMPACT_ATOMS: atom_id res chain seq x y z
N ALA A 1 -2.39 17.91 12.02
CA ALA A 1 -2.40 16.44 12.22
C ALA A 1 -0.98 15.95 12.53
N ASP A 2 -0.90 14.78 13.15
CA ASP A 2 0.34 14.10 13.45
C ASP A 2 0.70 13.06 12.39
N CYS A 3 0.03 13.11 11.25
CA CYS A 3 0.16 12.07 10.24
C CYS A 3 1.59 11.97 9.71
N GLY A 4 1.99 10.74 9.39
CA GLY A 4 3.20 10.52 8.64
C GLY A 4 4.49 10.76 9.39
N LEU A 5 4.39 10.86 10.72
CA LEU A 5 5.56 10.91 11.60
C LEU A 5 5.57 9.65 12.45
N ARG A 6 6.59 8.83 12.27
CA ARG A 6 6.61 7.48 12.84
C ARG A 6 7.18 7.53 14.24
N PRO A 7 6.45 6.96 15.22
CA PRO A 7 6.89 6.96 16.63
C PRO A 7 8.33 6.43 16.80
N LEU A 8 8.72 5.42 16.03
CA LEU A 8 10.06 4.84 16.18
C LEU A 8 11.16 5.44 15.31
N PHE A 9 10.77 6.42 14.49
CA PHE A 9 11.73 7.07 13.61
C PHE A 9 11.64 8.58 13.74
N GLU A 10 10.79 9.24 12.96
CA GLU A 10 10.68 10.72 13.00
C GLU A 10 10.49 11.29 14.40
N LYS A 11 9.63 10.66 15.19
CA LYS A 11 9.31 11.14 16.53
C LYS A 11 10.51 11.07 17.49
N LYS A 12 11.50 10.24 17.16
CA LYS A 12 12.72 10.08 17.97
C LYS A 12 13.95 10.61 17.24
N SER A 13 13.75 11.23 16.09
CA SER A 13 14.85 11.62 15.18
C SER A 13 15.81 10.46 14.90
N LEU A 14 15.25 9.28 14.63
CA LEU A 14 16.02 8.15 14.12
C LEU A 14 15.65 7.94 12.65
N GLU A 15 16.64 7.65 11.81
CA GLU A 15 16.42 7.34 10.40
C GLU A 15 16.42 5.84 10.19
N ASP A 16 15.55 5.35 9.30
CA ASP A 16 15.62 3.94 8.91
C ASP A 16 16.74 3.70 7.91
N LYS A 17 17.10 2.44 7.67
CA LYS A 17 18.29 2.13 6.87
C LYS A 17 18.29 2.56 5.39
N THR A 18 17.13 2.81 4.80
CA THR A 18 17.08 3.15 3.38
C THR A 18 16.35 4.44 3.00
N GLU A 19 15.82 5.18 3.97
CA GLU A 19 15.08 6.40 3.64
C GLU A 19 15.97 7.43 2.94
N ARG A 20 17.28 7.42 3.23
CA ARG A 20 18.18 8.34 2.54
C ARG A 20 18.19 8.12 1.02
N GLU A 21 17.92 6.90 0.55
CA GLU A 21 17.80 6.60 -0.89
C GLU A 21 16.65 7.36 -1.53
N LEU A 22 15.55 7.52 -0.78
CA LEU A 22 14.45 8.34 -1.29
C LEU A 22 14.87 9.82 -1.41
N LEU A 23 15.40 10.38 -0.33
CA LEU A 23 15.86 11.76 -0.30
C LEU A 23 16.83 12.06 -1.42
N GLU A 24 17.78 11.16 -1.65
CA GLU A 24 18.79 11.40 -2.67
C GLU A 24 18.22 11.43 -4.07
N SER A 25 17.07 10.81 -4.25
CA SER A 25 16.43 10.78 -5.56
C SER A 25 15.62 12.04 -5.83
N TYR A 26 15.33 12.82 -4.78
CA TYR A 26 14.52 14.03 -4.95
C TYR A 26 15.47 15.16 -5.31
N ILE A 27 15.95 15.09 -6.55
CA ILE A 27 16.90 16.05 -7.12
C ILE A 27 16.16 17.29 -7.63
N ILE B 1 6.32 -8.79 -2.31
CA ILE B 1 7.46 -7.94 -2.79
C ILE B 1 8.63 -8.78 -3.28
N VAL B 2 9.09 -8.48 -4.48
CA VAL B 2 10.22 -9.14 -5.12
C VAL B 2 11.48 -8.30 -5.01
N GLU B 3 12.56 -8.92 -4.55
CA GLU B 3 13.86 -8.25 -4.43
C GLU B 3 13.81 -7.08 -3.45
N GLY B 4 13.01 -7.22 -2.40
CA GLY B 4 12.98 -6.28 -1.31
C GLY B 4 13.83 -6.76 -0.15
N SER B 5 13.53 -6.29 1.05
CA SER B 5 14.21 -6.74 2.27
C SER B 5 13.22 -6.70 3.41
N ASP B 6 13.60 -7.29 4.54
CA ASP B 6 12.76 -7.26 5.74
C ASP B 6 12.59 -5.81 6.17
N ALA B 7 11.36 -5.44 6.51
CA ALA B 7 11.08 -4.13 7.10
C ALA B 7 11.74 -4.05 8.46
N GLU B 8 12.13 -2.85 8.90
CA GLU B 8 12.50 -2.64 10.30
C GLU B 8 11.26 -2.56 11.16
N ILE B 9 11.37 -2.79 12.47
CA ILE B 9 10.22 -2.66 13.36
C ILE B 9 9.72 -1.21 13.34
N GLY B 10 8.42 -1.03 13.12
CA GLY B 10 7.81 0.29 13.13
C GLY B 10 8.15 1.16 11.93
N MET B 11 8.74 0.57 10.89
CA MET B 11 9.14 1.30 9.67
C MET B 11 7.95 1.75 8.84
N SER B 12 6.87 0.98 8.93
CA SER B 12 5.66 1.29 8.16
C SER B 12 4.39 1.14 9.01
N PRO B 13 4.21 2.03 10.00
CA PRO B 13 3.18 1.86 11.03
C PRO B 13 1.75 2.08 10.52
N TRP B 14 1.62 2.57 9.28
CA TRP B 14 0.33 2.69 8.60
C TRP B 14 0.02 1.43 7.77
N GLN B 15 0.93 0.46 7.71
CA GLN B 15 0.65 -0.75 6.91
C GLN B 15 -0.49 -1.54 7.55
N VAL B 16 -1.45 -1.96 6.72
CA VAL B 16 -2.57 -2.74 7.20
C VAL B 16 -2.62 -4.03 6.38
N MET B 17 -2.93 -5.15 7.03
CA MET B 17 -3.12 -6.42 6.36
C MET B 17 -4.61 -6.68 6.23
N LEU B 18 -5.07 -6.97 5.01
CA LEU B 18 -6.45 -7.44 4.81
C LEU B 18 -6.45 -8.96 4.89
N PHE B 19 -7.28 -9.48 5.79
CA PHE B 19 -7.22 -10.88 6.20
C PHE B 19 -8.60 -11.51 5.99
N ARG B 20 -8.62 -12.60 5.23
CA ARG B 20 -9.83 -13.39 5.01
C ARG B 20 -10.06 -14.29 6.23
N LYS B 21 -11.28 -14.24 6.77
CA LYS B 21 -11.69 -15.02 7.96
C LYS B 21 -11.72 -16.54 7.76
N SER B 22 -12.59 -16.98 6.84
CA SER B 22 -12.81 -18.39 6.56
C SER B 22 -12.19 -18.65 5.19
N PRO B 23 -11.44 -19.74 5.05
CA PRO B 23 -10.04 -19.86 4.78
C PRO B 23 -9.19 -18.64 5.16
N GLN B 24 -8.55 -18.77 6.33
CA GLN B 24 -7.67 -17.74 6.89
C GLN B 24 -6.47 -17.58 5.98
N GLU B 25 -6.37 -16.41 5.35
CA GLU B 25 -5.29 -16.15 4.41
C GLU B 25 -5.12 -14.65 4.22
N LEU B 26 -3.97 -14.26 3.69
CA LEU B 26 -3.74 -12.89 3.30
C LEU B 26 -4.59 -12.62 2.07
N LEU B 27 -5.34 -11.51 2.10
CA LEU B 27 -6.03 -11.04 0.90
C LEU B 27 -5.23 -9.99 0.18
N CYS B 28 -4.77 -8.98 0.92
CA CYS B 28 -4.21 -7.81 0.31
C CYS B 28 -3.58 -6.92 1.36
N GLY B 29 -2.86 -5.91 0.90
CA GLY B 29 -2.38 -4.85 1.79
C GLY B 29 -3.39 -3.72 1.81
N ALA B 30 -3.10 -2.72 2.64
CA ALA B 30 -3.99 -1.60 2.86
C ALA B 30 -3.21 -0.61 3.69
N SER B 31 -3.78 0.56 3.95
CA SER B 31 -3.06 1.58 4.74
C SER B 31 -3.97 2.32 5.72
N LEU B 32 -3.41 2.72 6.86
CA LEU B 32 -4.18 3.43 7.84
C LEU B 32 -4.09 4.93 7.63
N ILE B 33 -5.23 5.60 7.40
CA ILE B 33 -5.20 7.05 7.14
C ILE B 33 -5.82 7.92 8.26
N SER B 34 -6.48 7.28 9.24
CA SER B 34 -6.96 7.96 10.45
C SER B 34 -7.32 6.87 11.45
N ASP B 35 -7.91 7.20 12.60
CA ASP B 35 -8.24 6.16 13.57
C ASP B 35 -9.39 5.22 13.15
N ARG B 36 -10.13 5.61 12.13
CA ARG B 36 -11.31 4.86 11.70
C ARG B 36 -11.30 4.47 10.23
N TRP B 37 -10.36 5.00 9.45
CA TRP B 37 -10.39 4.81 7.99
C TRP B 37 -9.15 4.15 7.44
N VAL B 38 -9.37 3.15 6.59
CA VAL B 38 -8.32 2.34 5.98
C VAL B 38 -8.50 2.42 4.47
N LEU B 39 -7.42 2.68 3.75
CA LEU B 39 -7.44 2.82 2.30
C LEU B 39 -6.90 1.57 1.65
N THR B 40 -7.51 1.12 0.52
CA THR B 40 -7.00 -0.08 -0.19
C THR B 40 -7.31 0.04 -1.68
N ALA B 41 -6.95 -1.01 -2.43
CA ALA B 41 -7.32 -1.14 -3.87
C ALA B 41 -8.69 -1.77 -3.96
N ALA B 42 -9.55 -1.17 -4.80
CA ALA B 42 -10.89 -1.72 -5.08
C ALA B 42 -10.86 -3.20 -5.47
N HIS B 43 -9.84 -3.58 -6.24
CA HIS B 43 -9.75 -4.95 -6.76
C HIS B 43 -9.46 -6.00 -5.69
N CYS B 44 -9.00 -5.53 -4.53
CA CYS B 44 -8.82 -6.42 -3.38
C CYS B 44 -10.14 -6.91 -2.85
N LEU B 45 -11.19 -6.12 -3.07
CA LEU B 45 -12.53 -6.38 -2.55
C LEU B 45 -13.50 -6.83 -3.65
N LEU B 46 -13.35 -6.27 -4.85
CA LEU B 46 -14.29 -6.53 -5.95
C LEU B 46 -13.53 -6.71 -7.23
N TYR B 47 -13.46 -7.96 -7.67
CA TYR B 47 -12.84 -8.25 -8.94
C TYR B 47 -13.49 -9.49 -9.57
N PRO B 48 -14.60 -9.30 -10.31
CA PRO B 48 -15.30 -10.43 -10.94
C PRO B 48 -14.46 -11.45 -11.72
N PRO B 49 -13.48 -11.02 -12.55
CA PRO B 49 -12.69 -12.02 -13.24
C PRO B 49 -12.03 -13.05 -12.34
N TRP B 50 -11.74 -12.66 -11.10
CA TRP B 50 -11.15 -13.61 -10.12
C TRP B 50 -12.19 -14.12 -9.12
N ASP B 51 -13.47 -13.90 -9.43
CA ASP B 51 -14.58 -14.22 -8.51
C ASP B 51 -14.42 -13.66 -7.10
N LYS B 52 -14.04 -12.39 -7.05
CA LYS B 52 -13.88 -11.69 -5.78
C LYS B 52 -14.97 -10.66 -5.63
N ASN B 53 -15.73 -10.75 -4.54
CA ASN B 53 -16.74 -9.79 -4.17
C ASN B 53 -17.00 -9.91 -2.70
N PHE B 54 -16.05 -9.42 -1.90
CA PHE B 54 -16.13 -9.58 -0.46
C PHE B 54 -17.13 -8.62 0.16
N THR B 55 -17.79 -9.07 1.22
CA THR B 55 -18.62 -8.20 2.05
C THR B 55 -17.85 -7.94 3.35
N GLU B 56 -18.24 -6.90 4.08
CA GLU B 56 -17.64 -6.53 5.38
C GLU B 56 -17.33 -7.74 6.27
N ASN B 57 -18.30 -8.63 6.40
CA ASN B 57 -18.21 -9.77 7.31
C ASN B 57 -17.22 -10.83 6.88
N ASP B 58 -16.78 -10.78 5.62
CA ASP B 58 -15.85 -11.78 5.13
C ASP B 58 -14.43 -11.54 5.60
N LEU B 59 -14.15 -10.34 6.10
CA LEU B 59 -12.76 -10.00 6.38
C LEU B 59 -12.48 -9.22 7.66
N LEU B 60 -11.21 -9.24 8.03
CA LEU B 60 -10.71 -8.44 9.14
C LEU B 60 -9.55 -7.58 8.64
N VAL B 61 -9.32 -6.45 9.29
CA VAL B 61 -8.07 -5.72 9.02
C VAL B 61 -7.14 -5.90 10.23
N ARG B 62 -5.87 -6.14 9.96
CA ARG B 62 -4.89 -6.32 11.02
C ARG B 62 -3.83 -5.24 10.91
N ILE B 63 -3.63 -4.51 12.01
CA ILE B 63 -2.89 -3.26 11.98
C ILE B 63 -1.75 -3.39 12.99
N GLY B 64 -0.61 -2.77 12.70
CA GLY B 64 0.55 -2.85 13.59
C GLY B 64 1.37 -4.11 13.40
N LYS B 65 1.11 -4.84 12.32
CA LYS B 65 1.77 -6.10 12.09
C LYS B 65 3.16 -5.97 11.49
N HIS B 66 3.94 -7.02 11.74
CA HIS B 66 5.24 -7.23 11.16
C HIS B 66 5.33 -8.65 10.58
N SER B 67 5.06 -9.65 11.42
CA SER B 67 5.08 -11.05 11.00
C SER B 67 3.89 -11.28 10.08
N ARG B 68 4.10 -12.01 8.98
CA ARG B 68 3.00 -12.37 8.06
C ARG B 68 2.00 -13.30 8.76
N THR B 69 2.47 -14.44 9.25
CA THR B 69 1.59 -15.51 9.72
C THR B 69 1.30 -15.51 11.23
N ARG B 70 2.27 -15.06 12.03
CA ARG B 70 2.10 -15.09 13.48
C ARG B 70 1.06 -14.11 13.96
N TYR B 71 0.35 -14.49 15.01
CA TYR B 71 -0.51 -13.59 15.73
C TYR B 71 0.32 -12.78 16.73
N GLU B 72 0.44 -11.48 16.51
CA GLU B 72 1.37 -10.63 17.26
C GLU B 72 0.73 -10.00 18.48
N ARG B 73 0.60 -10.83 19.51
CA ARG B 73 0.02 -10.49 20.78
C ARG B 73 0.65 -9.22 21.38
N ASN B 74 -0.19 -8.33 21.89
CA ASN B 74 0.21 -7.04 22.49
C ASN B 74 0.76 -6.01 21.50
N ILE B 75 0.79 -6.37 20.22
CA ILE B 75 1.33 -5.46 19.23
C ILE B 75 0.30 -5.14 18.16
N GLU B 76 -0.08 -6.16 17.39
CA GLU B 76 -1.09 -5.95 16.37
C GLU B 76 -2.46 -5.73 16.98
N LYS B 77 -3.28 -4.92 16.31
CA LYS B 77 -4.68 -4.80 16.63
C LYS B 77 -5.52 -5.29 15.44
N ILE B 78 -6.50 -6.14 15.73
CA ILE B 78 -7.39 -6.69 14.71
C ILE B 78 -8.74 -5.96 14.77
N SER B 79 -9.17 -5.38 13.64
CA SER B 79 -10.40 -4.60 13.60
C SER B 79 -11.40 -5.17 12.58
N MET B 80 -12.68 -4.97 12.88
CA MET B 80 -13.79 -5.44 12.05
C MET B 80 -14.28 -4.30 11.20
N LEU B 81 -14.84 -4.62 10.03
CA LEU B 81 -15.33 -3.58 9.13
C LEU B 81 -16.77 -3.21 9.35
N GLU B 82 -17.00 -1.91 9.44
CA GLU B 82 -18.33 -1.37 9.48
C GLU B 82 -18.85 -1.31 8.06
N LYS B 83 -18.09 -0.66 7.18
CA LYS B 83 -18.57 -0.42 5.83
C LYS B 83 -17.44 -0.35 4.80
N ILE B 84 -17.67 -0.98 3.64
CA ILE B 84 -16.79 -0.89 2.49
C ILE B 84 -17.33 0.14 1.49
N TYR B 85 -16.44 0.98 0.95
CA TYR B 85 -16.81 1.93 -0.09
C TYR B 85 -15.85 1.81 -1.28
N ILE B 86 -16.39 1.38 -2.41
CA ILE B 86 -15.61 1.25 -3.65
C ILE B 86 -15.88 2.46 -4.52
N HIS B 87 -14.84 3.00 -5.17
CA HIS B 87 -15.02 4.13 -6.08
C HIS B 87 -16.15 3.75 -7.07
N PRO B 88 -17.12 4.65 -7.27
CA PRO B 88 -18.24 4.26 -8.16
C PRO B 88 -17.84 4.12 -9.62
N ARG B 89 -16.67 4.64 -10.00
CA ARG B 89 -16.20 4.54 -11.39
C ARG B 89 -14.95 3.70 -11.52
N TYR B 90 -14.68 2.88 -10.51
CA TYR B 90 -13.68 1.81 -10.60
C TYR B 90 -13.91 0.92 -11.83
N ASN B 91 -12.90 0.80 -12.68
CA ASN B 91 -13.02 0.03 -13.93
C ASN B 91 -12.40 -1.36 -13.83
N TRP B 92 -13.12 -2.30 -13.24
CA TRP B 92 -12.66 -3.67 -13.17
C TRP B 92 -12.74 -4.40 -14.50
N ARG B 93 -13.46 -3.82 -15.47
CA ARG B 93 -13.68 -4.51 -16.74
C ARG B 93 -12.50 -4.40 -17.70
N GLU B 94 -11.85 -3.24 -17.70
CA GLU B 94 -10.78 -2.99 -18.66
C GLU B 94 -9.38 -2.94 -18.06
N ASN B 95 -9.12 -1.94 -17.23
CA ASN B 95 -7.73 -1.60 -16.90
C ASN B 95 -7.47 -1.27 -15.45
N LEU B 96 -8.48 -1.50 -14.58
CA LEU B 96 -8.38 -1.15 -13.15
C LEU B 96 -8.26 0.36 -12.90
N ASP B 97 -8.86 1.15 -13.78
CA ASP B 97 -8.92 2.59 -13.59
C ASP B 97 -9.66 2.91 -12.29
N ARG B 98 -9.13 3.86 -11.53
CA ARG B 98 -9.66 4.25 -10.22
C ARG B 98 -9.73 3.07 -9.26
N ASP B 99 -8.63 2.32 -9.16
CA ASP B 99 -8.52 1.15 -8.30
C ASP B 99 -8.34 1.59 -6.85
N ILE B 100 -9.45 1.99 -6.22
CA ILE B 100 -9.40 2.57 -4.85
C ILE B 100 -10.66 2.18 -4.08
N ALA B 101 -10.51 2.01 -2.77
CA ALA B 101 -11.63 1.67 -1.89
C ALA B 101 -11.28 2.14 -0.51
N LEU B 102 -12.30 2.52 0.24
CA LEU B 102 -12.14 2.87 1.65
C LEU B 102 -12.90 1.87 2.51
N MET B 103 -12.40 1.66 3.72
CA MET B 103 -13.06 0.77 4.65
C MET B 103 -13.16 1.50 5.97
N LYS B 104 -14.38 1.72 6.47
CA LYS B 104 -14.58 2.27 7.81
C LYS B 104 -14.56 1.17 8.85
N LEU B 105 -13.84 1.42 9.95
CA LEU B 105 -13.72 0.42 11.00
C LEU B 105 -14.85 0.58 12.01
N LYS B 106 -15.21 -0.53 12.66
CA LYS B 106 -16.28 -0.49 13.65
C LYS B 106 -15.95 0.40 14.86
N LYS B 107 -14.76 0.23 15.43
CA LYS B 107 -14.28 1.09 16.52
C LYS B 107 -12.99 1.77 16.06
N PRO B 108 -12.64 2.93 16.64
CA PRO B 108 -11.34 3.52 16.33
C PRO B 108 -10.20 2.64 16.85
N VAL B 109 -9.07 2.61 16.13
CA VAL B 109 -7.89 1.88 16.57
C VAL B 109 -7.02 2.84 17.39
N ALA B 110 -6.43 2.31 18.47
CA ALA B 110 -5.54 3.11 19.31
C ALA B 110 -4.15 3.17 18.68
N PHE B 111 -3.59 4.37 18.53
CA PHE B 111 -2.24 4.51 17.96
C PHE B 111 -1.21 4.07 19.00
N SER B 112 -0.07 3.60 18.52
CA SER B 112 0.99 3.05 19.35
C SER B 112 2.31 3.24 18.60
N ASP B 113 3.40 2.68 19.12
CA ASP B 113 4.66 2.72 18.40
C ASP B 113 4.56 2.05 17.03
N TYR B 114 3.61 1.12 16.88
CA TYR B 114 3.54 0.23 15.70
C TYR B 114 2.36 0.56 14.80
N ILE B 115 1.49 1.45 15.28
CA ILE B 115 0.25 1.83 14.59
C ILE B 115 0.12 3.34 14.51
N HIS B 116 0.15 3.88 13.30
CA HIS B 116 0.14 5.34 13.13
C HIS B 116 -0.25 5.67 11.69
N PRO B 117 -1.12 6.66 11.48
CA PRO B 117 -1.54 6.96 10.10
C PRO B 117 -0.53 7.68 9.24
N VAL B 118 -0.62 7.43 7.95
CA VAL B 118 0.17 8.12 6.93
C VAL B 118 -0.60 9.36 6.46
N CYS B 119 0.11 10.35 5.88
CA CYS B 119 -0.54 11.56 5.40
C CYS B 119 -1.05 11.31 3.98
N LEU B 120 -2.12 12.00 3.61
CA LEU B 120 -2.48 12.01 2.19
C LEU B 120 -1.95 13.30 1.58
N PRO B 121 -1.51 13.25 0.30
CA PRO B 121 -0.87 14.39 -0.35
C PRO B 121 -1.85 15.53 -0.69
N ASP B 122 -1.37 16.74 -0.62
CA ASP B 122 -2.06 17.89 -1.16
C ASP B 122 -1.58 18.09 -2.59
N ARG B 123 -2.22 19.00 -3.33
CA ARG B 123 -1.81 19.26 -4.73
C ARG B 123 -0.33 19.58 -4.89
N GLU B 124 0.21 20.34 -3.93
CA GLU B 124 1.58 20.82 -4.01
C GLU B 124 2.61 19.72 -3.72
N THR B 125 2.31 18.88 -2.74
CA THR B 125 3.20 17.76 -2.44
C THR B 125 3.22 16.80 -3.62
N ALA B 126 2.04 16.54 -4.19
CA ALA B 126 1.93 15.67 -5.37
C ALA B 126 2.69 16.25 -6.56
N ALA B 127 2.53 17.54 -6.80
CA ALA B 127 3.18 18.19 -7.91
C ALA B 127 4.69 18.13 -7.77
N SER B 128 5.19 18.40 -6.56
CA SER B 128 6.65 18.39 -6.34
C SER B 128 7.29 17.01 -6.37
N LEU B 129 6.61 16.00 -5.83
CA LEU B 129 7.24 14.69 -5.63
C LEU B 129 6.96 13.64 -6.72
N LEU B 130 5.85 13.79 -7.43
CA LEU B 130 5.52 12.79 -8.43
C LEU B 130 6.23 13.09 -9.73
N GLN B 131 7.53 12.86 -9.74
CA GLN B 131 8.37 13.14 -10.88
C GLN B 131 9.19 11.92 -11.23
N ALA B 132 9.40 11.69 -12.52
CA ALA B 132 10.21 10.57 -12.98
C ALA B 132 11.57 10.53 -12.29
N GLY B 133 11.97 9.36 -11.79
CA GLY B 133 13.25 9.21 -11.12
C GLY B 133 13.19 9.34 -9.60
N TYR B 134 12.22 10.11 -9.11
CA TYR B 134 11.96 10.23 -7.66
C TYR B 134 11.44 8.89 -7.17
N LYS B 135 11.96 8.46 -6.04
CA LYS B 135 11.69 7.13 -5.51
C LYS B 135 10.66 7.19 -4.41
N GLY B 136 9.78 6.19 -4.43
CA GLY B 136 8.90 5.92 -3.31
C GLY B 136 9.18 4.55 -2.75
N ARG B 137 8.41 4.18 -1.73
CA ARG B 137 8.57 2.93 -1.00
C ARG B 137 7.28 2.15 -1.01
N VAL B 138 7.39 0.86 -1.36
CA VAL B 138 6.26 -0.05 -1.36
C VAL B 138 6.53 -1.14 -0.33
N THR B 139 5.48 -1.52 0.40
CA THR B 139 5.58 -2.52 1.45
C THR B 139 4.47 -3.54 1.33
N GLY B 140 4.76 -4.79 1.70
CA GLY B 140 3.68 -5.79 1.72
C GLY B 140 4.15 -7.18 2.12
N TRP B 141 3.18 -8.06 2.32
CA TRP B 141 3.44 -9.46 2.64
C TRP B 141 3.14 -10.38 1.46
N GLY B 142 3.13 -9.85 0.25
CA GLY B 142 2.85 -10.64 -0.95
C GLY B 142 4.01 -11.50 -1.39
N ASN B 143 3.84 -12.19 -2.52
CA ASN B 143 4.85 -13.12 -2.98
C ASN B 143 6.25 -12.52 -3.18
N LEU B 144 7.27 -13.32 -2.84
CA LEU B 144 8.67 -12.94 -3.00
C LEU B 144 9.15 -13.14 -4.44
N LYS B 145 8.34 -13.82 -5.24
CA LYS B 145 8.72 -14.25 -6.59
C LYS B 145 7.50 -14.58 -7.41
N GLU B 146 7.61 -14.41 -8.72
CA GLU B 146 6.50 -14.72 -9.63
C GLU B 146 6.08 -16.20 -9.64
N THR B 147 7.06 -17.10 -9.60
CA THR B 147 6.83 -18.56 -9.51
C THR B 147 7.99 -19.28 -8.83
N GLY C 1 8.58 -18.57 -1.49
CA GLY C 1 7.62 -17.71 -2.28
C GLY C 1 6.83 -16.74 -1.44
N GLN C 2 6.84 -16.95 -0.12
CA GLN C 2 6.11 -16.11 0.83
C GLN C 2 7.08 -15.63 1.90
N PRO C 3 6.95 -14.37 2.36
CA PRO C 3 7.89 -13.88 3.38
C PRO C 3 7.48 -14.21 4.81
N SER C 4 8.46 -14.35 5.70
CA SER C 4 8.18 -14.44 7.13
C SER C 4 7.71 -13.11 7.70
N VAL C 5 8.34 -12.00 7.28
CA VAL C 5 7.94 -10.68 7.76
C VAL C 5 7.70 -9.67 6.63
N LEU C 6 7.05 -8.57 7.00
CA LEU C 6 6.79 -7.46 6.09
C LEU C 6 8.04 -7.13 5.27
N GLN C 7 7.82 -7.02 3.96
CA GLN C 7 8.89 -6.70 3.00
C GLN C 7 8.81 -5.25 2.56
N VAL C 8 9.96 -4.66 2.24
CA VAL C 8 10.03 -3.28 1.78
C VAL C 8 10.91 -3.16 0.53
N VAL C 9 10.48 -2.32 -0.42
CA VAL C 9 11.32 -1.97 -1.56
C VAL C 9 11.12 -0.52 -2.01
N ASN C 10 12.23 0.15 -2.30
CA ASN C 10 12.22 1.50 -2.82
C ASN C 10 12.39 1.46 -4.33
N LEU C 11 11.49 2.15 -5.03
CA LEU C 11 11.40 2.09 -6.49
C LEU C 11 11.17 3.45 -7.11
N PRO C 12 11.87 3.75 -8.22
CA PRO C 12 11.71 5.05 -8.85
C PRO C 12 10.48 5.16 -9.72
N ILE C 13 9.83 6.31 -9.64
CA ILE C 13 8.74 6.63 -10.53
C ILE C 13 9.30 6.66 -11.97
N VAL C 14 8.52 6.13 -12.90
CA VAL C 14 8.91 5.98 -14.31
C VAL C 14 8.19 6.99 -15.20
N GLU C 15 8.92 7.51 -16.18
CA GLU C 15 8.38 8.41 -17.19
C GLU C 15 7.15 7.77 -17.81
N ARG C 16 6.13 8.59 -18.04
CA ARG C 16 4.84 8.08 -18.51
C ARG C 16 4.85 7.45 -19.92
N PRO C 17 5.69 7.97 -20.84
CA PRO C 17 5.86 7.25 -22.09
C PRO C 17 6.42 5.83 -21.90
N VAL C 18 7.34 5.68 -20.96
CA VAL C 18 7.95 4.39 -20.70
C VAL C 18 6.94 3.41 -20.07
N CYS C 19 6.09 3.91 -19.17
CA CYS C 19 5.02 3.10 -18.59
C CYS C 19 4.06 2.60 -19.69
N LYS C 20 3.57 3.53 -20.52
CA LYS C 20 2.68 3.22 -21.64
C LYS C 20 3.31 2.23 -22.64
N ASP C 21 4.59 2.40 -22.94
CA ASP C 21 5.26 1.56 -23.94
C ASP C 21 5.63 0.16 -23.45
N SER C 22 5.40 -0.10 -22.15
CA SER C 22 5.72 -1.39 -21.54
C SER C 22 4.56 -2.39 -21.60
N THR C 23 3.38 -1.94 -22.04
CA THR C 23 2.16 -2.72 -21.89
C THR C 23 1.15 -2.48 -23.01
N ARG C 24 0.24 -3.43 -23.23
CA ARG C 24 -0.85 -3.25 -24.17
C ARG C 24 -2.06 -2.62 -23.52
N ILE C 25 -2.07 -2.62 -22.19
CA ILE C 25 -3.20 -2.06 -21.43
C ILE C 25 -3.23 -0.54 -21.59
N ARG C 26 -4.43 0.01 -21.64
CA ARG C 26 -4.57 1.45 -21.64
C ARG C 26 -4.27 2.06 -20.25
N ILE C 27 -3.30 2.96 -20.21
CA ILE C 27 -2.91 3.62 -18.96
C ILE C 27 -3.77 4.89 -18.86
N THR C 28 -4.15 5.30 -17.65
CA THR C 28 -4.94 6.53 -17.48
C THR C 28 -4.17 7.46 -16.55
N ASP C 29 -4.66 8.69 -16.40
CA ASP C 29 -4.02 9.68 -15.57
C ASP C 29 -4.17 9.33 -14.07
N ASN C 30 -5.04 8.38 -13.77
CA ASN C 30 -5.26 7.95 -12.36
C ASN C 30 -4.28 6.84 -11.94
N MET C 31 -3.28 6.62 -12.76
CA MET C 31 -2.28 5.59 -12.54
C MET C 31 -0.90 6.20 -12.75
N PHE C 32 0.11 5.65 -12.08
CA PHE C 32 1.46 5.94 -12.47
C PHE C 32 2.18 4.61 -12.31
N CYS C 33 3.37 4.48 -12.88
CA CYS C 33 4.16 3.26 -12.73
C CYS C 33 5.52 3.54 -12.10
N ALA C 34 6.13 2.49 -11.57
CA ALA C 34 7.42 2.58 -10.91
C ALA C 34 8.21 1.28 -11.04
N GLY C 35 9.53 1.41 -10.95
CA GLY C 35 10.41 0.25 -11.00
C GLY C 35 11.65 0.59 -11.79
N TYR C 36 12.65 -0.29 -11.73
CA TYR C 36 13.88 -0.04 -12.47
C TYR C 36 13.75 -0.53 -13.91
N LYS C 37 14.53 0.06 -14.80
CA LYS C 37 14.61 -0.36 -16.19
C LYS C 37 15.65 -1.48 -16.30
N PRO C 38 15.61 -2.25 -17.41
CA PRO C 38 16.61 -3.31 -17.58
C PRO C 38 18.04 -2.78 -17.54
N ASP C 39 18.25 -1.57 -18.07
CA ASP C 39 19.58 -0.94 -18.09
C ASP C 39 20.12 -0.56 -16.70
N GLU C 40 19.20 -0.38 -15.75
CA GLU C 40 19.53 0.21 -14.46
C GLU C 40 20.17 -0.73 -13.44
N GLY C 41 20.14 -2.03 -13.69
CA GLY C 41 20.82 -2.98 -12.78
C GLY C 41 19.97 -3.42 -11.60
N LYS C 42 19.64 -2.50 -10.70
CA LYS C 42 18.80 -2.77 -9.53
C LYS C 42 17.43 -3.30 -9.95
N ARG C 43 16.79 -4.09 -9.08
CA ARG C 43 15.50 -4.71 -9.37
C ARG C 43 14.49 -4.46 -8.25
N GLY C 44 13.31 -5.07 -8.39
CA GLY C 44 12.30 -5.01 -7.34
C GLY C 44 10.93 -4.63 -7.86
N ASP C 45 9.90 -5.11 -7.20
CA ASP C 45 8.53 -4.91 -7.66
C ASP C 45 7.61 -5.37 -6.55
N ALA C 46 6.36 -4.93 -6.60
CA ALA C 46 5.32 -5.56 -5.82
C ALA C 46 4.89 -6.86 -6.53
N CYS C 47 4.13 -7.68 -5.85
CA CYS C 47 3.65 -8.92 -6.46
C CYS C 47 2.25 -9.21 -5.91
N GLU C 48 1.62 -10.31 -6.35
CA GLU C 48 0.30 -10.64 -5.83
C GLU C 48 0.37 -10.81 -4.31
N GLY C 49 -0.63 -10.26 -3.63
CA GLY C 49 -0.68 -10.21 -2.17
C GLY C 49 -0.35 -8.80 -1.65
N ASP C 50 0.41 -8.05 -2.47
CA ASP C 50 0.91 -6.69 -2.13
C ASP C 50 -0.11 -5.64 -2.50
N SER C 51 -1.03 -5.99 -3.41
CA SER C 51 -2.04 -5.04 -3.84
C SER C 51 -2.76 -4.41 -2.68
N GLY C 52 -3.09 -3.13 -2.84
CA GLY C 52 -3.86 -2.38 -1.89
C GLY C 52 -2.96 -1.68 -0.90
N GLY C 53 -1.73 -2.15 -0.80
CA GLY C 53 -0.72 -1.49 0.03
C GLY C 53 -0.31 -0.12 -0.46
N PRO C 54 0.46 0.63 0.37
CA PRO C 54 0.80 1.99 0.01
C PRO C 54 2.15 2.12 -0.73
N PHE C 55 2.20 3.08 -1.64
CA PHE C 55 3.46 3.59 -2.24
C PHE C 55 3.63 4.94 -1.56
N VAL C 56 4.66 5.05 -0.71
CA VAL C 56 4.81 6.27 0.09
C VAL C 56 6.10 7.02 -0.28
N MET C 57 6.12 8.30 0.01
CA MET C 57 7.29 9.13 -0.24
C MET C 57 7.50 10.01 0.99
N LYS C 58 8.75 10.30 1.32
CA LYS C 58 8.99 11.15 2.50
C LYS C 58 9.28 12.56 2.05
N SER C 59 8.39 13.49 2.39
CA SER C 59 8.56 14.85 1.95
C SER C 59 9.88 15.42 2.52
N PRO C 60 10.73 16.00 1.66
CA PRO C 60 11.96 16.67 2.11
C PRO C 60 11.68 18.07 2.67
N PHE C 61 10.45 18.53 2.50
CA PHE C 61 9.97 19.84 2.94
C PHE C 61 9.56 19.82 4.40
N ASN C 62 8.81 18.80 4.81
CA ASN C 62 8.34 18.73 6.20
C ASN C 62 8.59 17.40 6.95
N ASN C 63 9.39 16.53 6.32
CA ASN C 63 9.83 15.25 6.89
C ASN C 63 8.69 14.29 7.24
N ARG C 64 7.55 14.47 6.58
CA ARG C 64 6.41 13.57 6.77
C ARG C 64 6.25 12.58 5.62
N TRP C 65 5.76 11.39 5.93
CA TRP C 65 5.49 10.39 4.88
C TRP C 65 4.11 10.60 4.31
N TYR C 66 4.05 10.60 2.98
CA TYR C 66 2.80 10.79 2.22
C TYR C 66 2.53 9.56 1.39
N GLN C 67 1.26 9.14 1.33
CA GLN C 67 0.90 7.98 0.49
C GLN C 67 0.51 8.51 -0.91
N MET C 68 1.38 8.28 -1.88
CA MET C 68 1.17 8.86 -3.20
C MET C 68 0.44 7.86 -4.09
N GLY C 69 0.58 6.58 -3.76
CA GLY C 69 0.07 5.51 -4.64
C GLY C 69 -0.50 4.37 -3.85
N ILE C 70 -1.32 3.57 -4.51
CA ILE C 70 -1.83 2.29 -3.99
C ILE C 70 -1.39 1.19 -4.93
N VAL C 71 -0.84 0.10 -4.42
CA VAL C 71 -0.34 -0.98 -5.25
C VAL C 71 -1.55 -1.48 -6.00
N SER C 72 -1.48 -1.43 -7.33
CA SER C 72 -2.66 -1.74 -8.15
C SER C 72 -2.48 -2.95 -9.06
N TRP C 73 -1.58 -2.89 -10.04
CA TRP C 73 -1.40 -4.04 -10.93
C TRP C 73 -0.03 -4.16 -11.58
N GLY C 74 0.25 -5.36 -12.07
CA GLY C 74 1.45 -5.60 -12.86
C GLY C 74 1.19 -6.83 -13.68
N GLU C 75 1.98 -6.96 -14.74
CA GLU C 75 1.96 -8.16 -15.58
C GLU C 75 3.20 -8.97 -15.20
N GLY C 76 2.98 -9.98 -14.37
CA GLY C 76 4.11 -10.69 -13.75
C GLY C 76 4.64 -9.87 -12.60
N CYS C 77 5.79 -10.26 -12.07
CA CYS C 77 6.44 -9.58 -10.96
C CYS C 77 7.93 -9.47 -11.25
N ASP C 78 8.44 -8.24 -11.25
CA ASP C 78 9.86 -7.97 -11.44
C ASP C 78 10.38 -8.51 -12.77
N ARG C 79 9.53 -8.50 -13.80
CA ARG C 79 9.97 -8.86 -15.14
C ARG C 79 10.72 -7.69 -15.76
N ASP C 80 11.81 -7.97 -16.47
CA ASP C 80 12.54 -6.93 -17.19
C ASP C 80 11.60 -6.28 -18.19
N GLY C 81 11.62 -4.95 -18.26
CA GLY C 81 10.85 -4.22 -19.24
C GLY C 81 9.41 -4.00 -18.84
N LYS C 82 9.05 -4.52 -17.66
CA LYS C 82 7.73 -4.35 -17.09
C LYS C 82 7.86 -3.55 -15.78
N TYR C 83 6.74 -2.96 -15.38
CA TYR C 83 6.69 -2.03 -14.25
C TYR C 83 5.42 -2.24 -13.44
N GLY C 84 5.47 -1.81 -12.19
CA GLY C 84 4.30 -1.89 -11.34
C GLY C 84 3.46 -0.65 -11.51
N PHE C 85 2.14 -0.85 -11.50
CA PHE C 85 1.23 0.28 -11.58
C PHE C 85 0.53 0.54 -10.27
N TYR C 86 0.27 1.83 -10.03
CA TYR C 86 -0.16 2.29 -8.74
C TYR C 86 -1.26 3.29 -8.96
N THR C 87 -2.28 3.20 -8.13
CA THR C 87 -3.36 4.20 -8.13
C THR C 87 -2.87 5.54 -7.67
N HIS C 88 -3.21 6.59 -8.43
CA HIS C 88 -2.73 7.96 -8.17
C HIS C 88 -3.60 8.58 -7.07
N VAL C 89 -3.12 8.55 -5.82
CA VAL C 89 -4.00 8.90 -4.70
C VAL C 89 -4.47 10.34 -4.76
N PHE C 90 -3.57 11.27 -5.11
CA PHE C 90 -3.99 12.65 -5.15
C PHE C 90 -5.12 12.87 -6.18
N ARG C 91 -5.04 12.23 -7.34
CA ARG C 91 -6.09 12.47 -8.35
C ARG C 91 -7.47 12.00 -7.91
N LEU C 92 -7.52 11.16 -6.88
CA LEU C 92 -8.79 10.60 -6.38
C LEU C 92 -9.11 11.12 -4.96
N LYS C 93 -8.38 12.14 -4.53
CA LYS C 93 -8.55 12.64 -3.16
C LYS C 93 -9.89 13.33 -2.92
N LYS C 94 -10.45 13.99 -3.94
CA LYS C 94 -11.78 14.57 -3.80
C LYS C 94 -12.82 13.49 -3.45
N TRP C 95 -12.77 12.34 -4.12
CA TRP C 95 -13.62 11.20 -3.74
C TRP C 95 -13.34 10.75 -2.31
N ILE C 96 -12.05 10.59 -1.98
CA ILE C 96 -11.65 10.22 -0.63
C ILE C 96 -12.32 11.14 0.39
N GLN C 97 -12.20 12.45 0.16
CA GLN C 97 -12.68 13.44 1.11
C GLN C 97 -14.20 13.42 1.21
N LYS C 98 -14.86 13.26 0.07
CA LYS C 98 -16.32 13.19 -0.01
C LYS C 98 -16.88 12.06 0.85
N VAL C 99 -16.28 10.88 0.72
CA VAL C 99 -16.70 9.70 1.47
C VAL C 99 -16.50 9.87 2.98
N ILE C 100 -15.33 10.39 3.37
CA ILE C 100 -15.02 10.60 4.78
C ILE C 100 -15.98 11.64 5.38
N ASP C 101 -16.18 12.76 4.67
CA ASP C 101 -17.14 13.78 5.08
C ASP C 101 -18.57 13.23 5.09
N GLN C 102 -18.72 12.05 4.51
CA GLN C 102 -19.95 11.24 4.53
C GLN C 102 -21.17 11.91 3.91
N ASP D 1 -1.00 -21.02 6.11
CA ASP D 1 -0.06 -21.41 7.21
C ASP D 1 -0.03 -20.33 8.30
N PHE D 2 -1.20 -19.78 8.59
CA PHE D 2 -1.35 -18.71 9.56
C PHE D 2 -1.63 -19.27 10.94
N GLU D 3 -1.01 -18.67 11.95
CA GLU D 3 -1.35 -18.92 13.33
C GLU D 3 -2.78 -18.46 13.58
N GLU D 4 -3.49 -19.23 14.40
CA GLU D 4 -4.88 -18.96 14.78
C GLU D 4 -5.00 -17.62 15.49
N ILE D 5 -6.06 -16.87 15.19
CA ILE D 5 -6.32 -15.62 15.90
C ILE D 5 -7.38 -15.85 16.97
N PRO D 6 -7.43 -14.98 18.02
CA PRO D 6 -8.50 -15.09 19.01
C PRO D 6 -9.90 -15.08 18.38
N GLY D 7 -10.83 -15.79 19.03
CA GLY D 7 -12.20 -15.92 18.53
C GLY D 7 -13.07 -14.69 18.73
N GLU D 8 -12.65 -13.79 19.63
CA GLU D 8 -13.38 -12.53 19.90
C GLU D 8 -13.48 -11.63 18.67
N TYS D 9 -12.56 -11.80 17.73
CA TYS D 9 -12.56 -11.07 16.45
CB TYS D 9 -11.14 -10.75 15.98
CG TYS D 9 -10.27 -10.06 17.01
CD1 TYS D 9 -10.57 -8.78 17.47
CD2 TYS D 9 -9.15 -10.73 17.46
CE1 TYS D 9 -9.73 -8.18 18.41
CE2 TYS D 9 -8.31 -10.13 18.39
CZ TYS D 9 -8.59 -8.86 18.86
OH TYS D 9 -7.76 -8.28 19.78
S TYS D 9 -6.56 -7.49 19.23
O1 TYS D 9 -5.98 -6.91 20.44
O2 TYS D 9 -5.65 -8.42 18.58
O3 TYS D 9 -7.11 -6.43 18.39
C TYS D 9 -13.23 -11.94 15.41
O TYS D 9 -13.23 -11.61 14.24
N LEU D 10 -13.77 -13.07 15.86
CA LEU D 10 -14.59 -14.00 15.05
C LEU D 10 -13.82 -14.74 13.98
C1 MKY E . -6.34 -7.62 -10.73
C2 MKY E . -4.86 -7.49 -11.06
O3 MKY E . -4.09 -7.35 -9.83
C4 MKY E . -2.76 -7.39 -9.92
O5 MKY E . -2.20 -7.31 -11.02
C6 MKY E . -1.97 -7.49 -8.64
O7 MKY E . 3.58 -4.12 -9.10
C8 MKY E . 2.55 -5.02 -9.04
C9 MKY E . 1.35 -4.66 -8.43
C10 MKY E . 0.28 -5.53 -8.35
C11 MKY E . 0.40 -6.82 -8.89
N12 MKY E . -0.57 -7.80 -8.99
C13 MKY E . -0.35 -8.94 -9.66
N14 MKY E . -1.26 -9.87 -9.92
C15 MKY E . -0.98 -10.93 -10.67
N16 MKY E . -0.13 -10.74 -11.75
N17 MKY E . -1.60 -12.14 -10.44
S18 MKY E . 1.37 -8.82 -10.12
C19 MKY E . 1.62 -7.15 -9.53
C20 MKY E . 2.68 -6.29 -9.60
NA NA F . 10.58 -4.74 -14.04
C ACT G . -4.56 -5.55 -15.58
O ACT G . -3.66 -6.08 -16.29
OXT ACT G . -4.80 -4.33 -15.80
CH3 ACT G . -5.31 -6.33 -14.56
#